data_2OC1
#
_entry.id   2OC1
#
_cell.length_a   222.936
_cell.length_b   222.936
_cell.length_c   75.158
_cell.angle_alpha   90.00
_cell.angle_beta   90.00
_cell.angle_gamma   120.00
#
_symmetry.space_group_name_H-M   'H 3 2'
#
loop_
_entity.id
_entity.type
_entity.pdbx_description
1 polymer 'Hepatitis C virus'
2 polymer 'Hepatitis C virus'
3 non-polymer 'ZINC ION'
4 non-polymer '(2S)-({N-[(3S)-3-({N-[(2S,4E)-2-ISOPROPYL-7-METHYLOCT-4-ENOYL]-L-LEUCYL}AMINO)-2-OXOHEXANOYL]GLYCYL}AMINO)(PHENYL)ACETI C ACID'
5 water water
#
loop_
_entity_poly.entity_id
_entity_poly.type
_entity_poly.pdbx_seq_one_letter_code
_entity_poly.pdbx_strand_id
1 'polypeptide(L)'
;MASMTGGQQMGAPITAYAQQTRGLLGCIITSLTGRDKNQVEGEVQIVSTATQTFLATCINGVCWTVYHGAGTRTIASPKG
PVIQMYTNVDQDLVGWPAPQGSRSLTPCTCGSSDLYLVTRHADVIPVRRRGDSRGSLLSPRPISYLKGSSGGPLLCPAGH
AVGLFRAAVCTRGVAKAVDFIPVENLETTMRSGSHHHHHH
;
A,C
2 'polypeptide(L)' KKGSVVIVGRIVLSGKPAIIPKK B,D
#
# COMPACT_ATOMS: atom_id res chain seq x y z
N MET A 10 0.14 11.43 -9.51
CA MET A 10 0.06 10.18 -8.71
C MET A 10 -1.07 9.33 -9.28
N GLY A 11 -1.17 8.11 -8.78
CA GLY A 11 -2.21 7.20 -9.25
C GLY A 11 -2.75 6.32 -8.14
N ALA A 12 -3.70 5.46 -8.53
CA ALA A 12 -4.33 4.51 -7.64
C ALA A 12 -4.31 3.17 -8.39
N PRO A 13 -4.43 2.04 -7.68
CA PRO A 13 -4.60 1.95 -6.23
C PRO A 13 -3.30 2.33 -5.51
N ILE A 14 -3.44 2.87 -4.30
CA ILE A 14 -2.29 3.25 -3.49
C ILE A 14 -1.64 1.97 -2.98
N THR A 15 -0.41 1.74 -3.38
CA THR A 15 0.33 0.58 -2.92
C THR A 15 1.66 1.16 -2.47
N ALA A 16 2.22 0.61 -1.39
CA ALA A 16 3.47 1.14 -0.88
C ALA A 16 4.38 0.04 -0.37
N TYR A 17 5.68 0.33 -0.31
CA TYR A 17 6.63 -0.62 0.22
C TYR A 17 7.64 0.13 1.03
N ALA A 18 8.35 -0.56 1.90
CA ALA A 18 9.35 0.07 2.74
C ALA A 18 10.70 -0.60 2.61
N GLN A 19 11.74 0.16 2.90
CA GLN A 19 13.11 -0.35 2.84
C GLN A 19 13.89 0.29 3.96
N GLN A 20 14.63 -0.50 4.72
CA GLN A 20 15.44 0.08 5.79
C GLN A 20 16.78 0.42 5.17
N THR A 21 17.28 1.60 5.51
CA THR A 21 18.54 2.05 4.95
C THR A 21 19.68 2.06 5.94
N ARG A 22 19.39 2.05 7.23
CA ARG A 22 20.44 1.99 8.24
C ARG A 22 19.96 1.51 9.57
N GLY A 23 20.92 1.02 10.36
CA GLY A 23 20.63 0.48 11.68
C GLY A 23 20.95 1.39 12.86
N LEU A 24 20.68 0.88 14.05
CA LEU A 24 20.89 1.61 15.30
C LEU A 24 22.25 2.29 15.45
N LEU A 25 23.33 1.57 15.14
CA LEU A 25 24.66 2.14 15.28
C LEU A 25 25.00 3.15 14.19
N GLY A 26 24.71 2.82 12.94
CA GLY A 26 24.98 3.76 11.87
C GLY A 26 24.13 5.00 12.04
N CYS A 27 22.94 4.81 12.62
CA CYS A 27 22.01 5.89 12.87
C CYS A 27 22.57 6.81 13.96
N ILE A 28 23.07 6.24 15.05
CA ILE A 28 23.64 7.06 16.11
C ILE A 28 24.82 7.89 15.60
N ILE A 29 25.72 7.25 14.87
CA ILE A 29 26.89 7.91 14.30
C ILE A 29 26.42 9.05 13.39
N THR A 30 25.51 8.74 12.50
CA THR A 30 24.97 9.73 11.56
C THR A 30 24.27 10.87 12.29
N SER A 31 23.63 10.56 13.41
CA SER A 31 22.93 11.56 14.20
C SER A 31 23.90 12.58 14.74
N LEU A 32 25.06 12.09 15.20
CA LEU A 32 26.10 12.95 15.75
C LEU A 32 26.88 13.73 14.68
N THR A 33 27.40 13.03 13.70
CA THR A 33 28.17 13.69 12.66
C THR A 33 27.27 14.59 11.81
N GLY A 34 25.97 14.26 11.76
CA GLY A 34 25.02 15.05 10.97
C GLY A 34 25.30 14.93 9.49
N ARG A 35 26.12 13.97 9.10
CA ARG A 35 26.44 13.80 7.69
C ARG A 35 25.97 12.44 7.20
N ASP A 36 25.03 12.44 6.27
CA ASP A 36 24.49 11.21 5.73
C ASP A 36 24.75 11.16 4.24
N LYS A 37 25.57 10.22 3.80
CA LYS A 37 25.90 10.12 2.40
C LYS A 37 25.01 9.14 1.62
N ASN A 38 24.04 8.53 2.31
CA ASN A 38 23.14 7.56 1.69
C ASN A 38 22.26 8.15 0.62
N GLN A 39 21.89 7.30 -0.34
CA GLN A 39 21.02 7.71 -1.44
C GLN A 39 19.60 7.80 -0.89
N VAL A 40 18.84 8.77 -1.36
CA VAL A 40 17.48 8.97 -0.91
C VAL A 40 16.47 8.78 -2.05
N GLU A 41 15.43 7.99 -1.78
CA GLU A 41 14.38 7.73 -2.76
C GLU A 41 13.07 7.72 -2.00
N GLY A 42 11.98 7.89 -2.71
CA GLY A 42 10.68 7.83 -2.07
C GLY A 42 10.04 9.13 -1.67
N GLU A 43 8.75 9.05 -1.38
CA GLU A 43 7.92 10.18 -0.98
C GLU A 43 7.87 10.36 0.52
N VAL A 44 8.09 9.27 1.24
CA VAL A 44 8.06 9.29 2.71
C VAL A 44 9.35 8.70 3.26
N GLN A 45 9.95 9.37 4.22
CA GLN A 45 11.18 8.90 4.82
C GLN A 45 10.93 8.43 6.24
N ILE A 46 11.44 7.24 6.57
CA ILE A 46 11.33 6.71 7.92
C ILE A 46 12.52 7.42 8.57
N VAL A 47 12.21 8.19 9.60
CA VAL A 47 13.18 9.03 10.24
C VAL A 47 13.30 8.74 11.72
N SER A 48 14.44 9.11 12.32
CA SER A 48 14.65 8.86 13.72
C SER A 48 15.62 9.80 14.41
N THR A 49 15.33 10.10 15.66
CA THR A 49 16.19 10.93 16.48
C THR A 49 16.82 9.88 17.37
N ALA A 50 17.54 10.28 18.40
CA ALA A 50 18.15 9.31 19.30
C ALA A 50 17.14 8.85 20.36
N THR A 51 15.95 9.42 20.31
CA THR A 51 14.92 9.09 21.29
C THR A 51 13.69 8.40 20.70
N GLN A 52 13.40 8.65 19.43
CA GLN A 52 12.22 8.04 18.82
C GLN A 52 12.29 8.00 17.30
N THR A 53 11.44 7.18 16.70
CA THR A 53 11.39 7.05 15.26
C THR A 53 9.97 7.28 14.75
N PHE A 54 9.88 8.00 13.64
CA PHE A 54 8.61 8.37 13.05
C PHE A 54 8.77 8.59 11.55
N LEU A 55 7.83 9.30 10.93
CA LEU A 55 7.87 9.55 9.50
C LEU A 55 7.95 11.03 9.16
N ALA A 56 8.36 11.30 7.93
CA ALA A 56 8.46 12.66 7.40
C ALA A 56 8.02 12.52 5.96
N THR A 57 7.02 13.31 5.56
CA THR A 57 6.50 13.26 4.21
C THR A 57 6.97 14.44 3.36
N CYS A 58 7.42 14.15 2.14
CA CYS A 58 7.85 15.19 1.21
C CYS A 58 6.66 15.66 0.40
N ILE A 59 6.19 16.88 0.65
CA ILE A 59 5.08 17.42 -0.10
C ILE A 59 5.59 18.71 -0.71
N ASN A 60 5.51 18.81 -2.04
CA ASN A 60 5.96 19.99 -2.76
C ASN A 60 7.37 20.47 -2.44
N GLY A 61 8.36 19.65 -2.71
CA GLY A 61 9.74 20.04 -2.46
C GLY A 61 10.21 20.19 -1.03
N VAL A 62 9.31 20.06 -0.05
CA VAL A 62 9.70 20.18 1.36
C VAL A 62 9.40 18.88 2.09
N CYS A 63 10.33 18.46 2.95
CA CYS A 63 10.19 17.23 3.73
C CYS A 63 9.59 17.62 5.08
N TRP A 64 8.28 17.41 5.21
CA TRP A 64 7.54 17.76 6.41
C TRP A 64 7.46 16.66 7.44
N THR A 65 7.41 17.05 8.70
CA THR A 65 7.24 16.11 9.78
C THR A 65 6.64 16.77 11.00
N VAL A 66 6.32 15.96 11.98
CA VAL A 66 5.70 16.44 13.19
C VAL A 66 6.74 17.07 14.17
N TYR A 67 6.42 18.25 14.68
CA TYR A 67 7.30 18.96 15.61
C TYR A 67 7.55 18.15 16.88
N HIS A 68 6.52 17.47 17.37
CA HIS A 68 6.67 16.67 18.59
C HIS A 68 7.62 15.48 18.40
N GLY A 69 8.18 15.37 17.20
CA GLY A 69 9.10 14.27 16.94
C GLY A 69 10.46 14.81 16.59
N ALA A 70 10.50 15.76 15.67
CA ALA A 70 11.76 16.37 15.21
C ALA A 70 12.23 17.55 16.06
N GLY A 71 11.32 18.16 16.81
CA GLY A 71 11.69 19.30 17.61
C GLY A 71 12.24 20.35 16.66
N THR A 72 13.41 20.89 16.98
CA THR A 72 14.03 21.90 16.13
C THR A 72 15.33 21.35 15.54
N ARG A 73 15.54 20.04 15.70
CA ARG A 73 16.74 19.39 15.21
C ARG A 73 16.95 19.62 13.72
N THR A 74 18.19 19.41 13.30
CA THR A 74 18.57 19.55 11.92
C THR A 74 18.50 18.16 11.27
N ILE A 75 18.23 18.08 9.97
CA ILE A 75 18.20 16.78 9.33
C ILE A 75 19.60 16.51 8.77
N ALA A 76 20.13 15.31 9.02
CA ALA A 76 21.45 14.95 8.55
C ALA A 76 21.42 14.79 7.04
N SER A 77 22.39 15.37 6.35
CA SER A 77 22.45 15.32 4.89
C SER A 77 23.86 15.08 4.40
N PRO A 78 24.05 14.86 3.10
CA PRO A 78 25.38 14.63 2.54
C PRO A 78 26.32 15.78 2.80
N LYS A 79 25.75 16.97 2.92
CA LYS A 79 26.52 18.18 3.16
C LYS A 79 26.48 18.58 4.63
N GLY A 80 26.23 17.61 5.50
CA GLY A 80 26.16 17.88 6.92
C GLY A 80 24.74 18.19 7.31
N PRO A 81 24.50 18.74 8.52
CA PRO A 81 23.16 19.07 9.01
C PRO A 81 22.47 20.13 8.20
N VAL A 82 21.17 20.01 8.09
CA VAL A 82 20.40 20.98 7.37
C VAL A 82 19.40 21.53 8.35
N ILE A 83 19.38 22.84 8.47
CA ILE A 83 18.46 23.54 9.36
C ILE A 83 17.08 23.50 8.73
N GLN A 84 16.06 23.62 9.55
CA GLN A 84 14.70 23.57 9.08
C GLN A 84 14.33 24.81 8.28
N MET A 85 13.43 24.64 7.33
CA MET A 85 12.92 25.75 6.52
C MET A 85 11.74 26.37 7.25
N TYR A 86 10.96 25.54 7.94
CA TYR A 86 9.81 26.01 8.68
C TYR A 86 9.73 25.31 10.02
N THR A 87 9.17 26.01 11.00
CA THR A 87 9.00 25.46 12.35
C THR A 87 7.73 26.13 12.88
N ASN A 88 6.76 25.33 13.27
CA ASN A 88 5.52 25.88 13.79
C ASN A 88 5.07 25.07 14.96
N VAL A 89 5.63 25.39 16.11
CA VAL A 89 5.31 24.70 17.34
C VAL A 89 3.81 24.55 17.53
N ASP A 90 3.08 25.63 17.29
CA ASP A 90 1.64 25.59 17.47
C ASP A 90 0.93 24.63 16.54
N GLN A 91 1.33 24.60 15.25
CA GLN A 91 0.69 23.69 14.33
C GLN A 91 1.33 22.32 14.32
N ASP A 92 2.35 22.17 15.16
CA ASP A 92 3.07 20.91 15.33
C ASP A 92 3.80 20.49 14.05
N LEU A 93 4.28 21.47 13.28
CA LEU A 93 4.96 21.19 12.03
C LEU A 93 6.39 21.69 11.99
N VAL A 94 7.19 21.05 11.15
CA VAL A 94 8.57 21.45 10.88
C VAL A 94 8.81 20.93 9.48
N GLY A 95 9.72 21.56 8.75
CA GLY A 95 10.03 21.12 7.41
C GLY A 95 11.46 21.46 7.08
N TRP A 96 12.08 20.61 6.27
CA TRP A 96 13.46 20.78 5.80
C TRP A 96 13.35 20.72 4.28
N PRO A 97 14.34 21.23 3.54
CA PRO A 97 14.19 21.15 2.08
C PRO A 97 14.18 19.66 1.77
N ALA A 98 13.28 19.21 0.91
CA ALA A 98 13.23 17.79 0.56
C ALA A 98 14.59 17.33 0.11
N PRO A 99 15.06 16.19 0.65
CA PRO A 99 16.36 15.61 0.32
C PRO A 99 16.55 15.45 -1.18
N GLN A 100 17.81 15.44 -1.60
CA GLN A 100 18.10 15.26 -3.01
C GLN A 100 17.88 13.79 -3.32
N GLY A 101 16.90 13.51 -4.18
CA GLY A 101 16.60 12.14 -4.55
C GLY A 101 15.16 11.76 -4.28
N SER A 102 14.53 12.44 -3.32
CA SER A 102 13.16 12.18 -2.93
C SER A 102 12.17 12.61 -3.99
N ARG A 103 10.92 12.15 -3.87
CA ARG A 103 9.84 12.52 -4.79
C ARG A 103 8.80 13.12 -3.88
N SER A 104 8.25 14.25 -4.27
CA SER A 104 7.26 14.92 -3.44
C SER A 104 5.83 14.60 -3.84
N LEU A 105 4.94 14.67 -2.86
CA LEU A 105 3.53 14.46 -3.08
C LEU A 105 2.97 15.85 -3.37
N THR A 106 1.73 15.89 -3.85
CA THR A 106 1.05 17.13 -4.17
C THR A 106 -0.24 17.22 -3.36
N PRO A 107 -0.55 18.41 -2.82
CA PRO A 107 -1.77 18.62 -2.03
C PRO A 107 -3.01 18.16 -2.75
N CYS A 108 -3.99 17.68 -1.99
CA CYS A 108 -5.24 17.20 -2.57
C CYS A 108 -6.08 18.40 -2.96
N THR A 109 -6.73 18.27 -4.12
CA THR A 109 -7.60 19.30 -4.65
C THR A 109 -8.85 18.61 -5.19
N CYS A 110 -9.62 18.02 -4.29
CA CYS A 110 -10.84 17.32 -4.67
C CYS A 110 -11.77 17.17 -3.49
N GLY A 111 -11.23 17.42 -2.29
CA GLY A 111 -12.03 17.30 -1.07
C GLY A 111 -12.70 15.95 -0.82
N SER A 112 -12.03 14.86 -1.16
CA SER A 112 -12.60 13.53 -0.94
C SER A 112 -12.56 13.23 0.54
N SER A 113 -13.65 12.68 1.07
CA SER A 113 -13.74 12.33 2.48
C SER A 113 -13.14 10.96 2.75
N ASP A 114 -12.75 10.28 1.67
CA ASP A 114 -12.16 8.96 1.75
C ASP A 114 -10.65 9.10 1.74
N LEU A 115 -10.05 9.08 2.93
CA LEU A 115 -8.61 9.22 3.08
C LEU A 115 -7.94 7.86 3.33
N TYR A 116 -6.64 7.78 3.04
CA TYR A 116 -5.90 6.54 3.23
C TYR A 116 -4.59 6.86 3.93
N LEU A 117 -4.42 6.37 5.15
CA LEU A 117 -3.18 6.60 5.92
C LEU A 117 -2.10 5.57 5.56
N VAL A 118 -0.88 6.04 5.35
CA VAL A 118 0.23 5.16 5.03
C VAL A 118 1.06 5.07 6.29
N THR A 119 1.12 3.87 6.86
CA THR A 119 1.86 3.62 8.10
C THR A 119 3.33 3.30 7.81
N ARG A 120 4.14 3.34 8.87
CA ARG A 120 5.57 3.09 8.75
C ARG A 120 5.86 1.67 8.32
N HIS A 121 4.83 0.84 8.27
CA HIS A 121 4.98 -0.56 7.86
C HIS A 121 4.60 -0.67 6.40
N ALA A 122 4.33 0.47 5.78
CA ALA A 122 3.96 0.56 4.39
C ALA A 122 2.60 -0.06 4.14
N ASP A 123 1.70 0.10 5.10
CA ASP A 123 0.35 -0.41 4.98
C ASP A 123 -0.52 0.82 4.82
N VAL A 124 -1.50 0.78 3.93
CA VAL A 124 -2.37 1.96 3.78
C VAL A 124 -3.75 1.58 4.32
N ILE A 125 -4.14 2.25 5.40
CA ILE A 125 -5.40 1.96 6.06
C ILE A 125 -6.43 3.06 5.85
N PRO A 126 -7.66 2.69 5.47
CA PRO A 126 -8.74 3.66 5.23
C PRO A 126 -9.16 4.46 6.45
N VAL A 127 -9.42 5.74 6.21
CA VAL A 127 -9.82 6.69 7.23
C VAL A 127 -10.96 7.55 6.65
N ARG A 128 -12.04 7.70 7.42
CA ARG A 128 -13.18 8.50 6.98
C ARG A 128 -13.06 9.86 7.64
N ARG A 129 -12.82 10.87 6.83
CA ARG A 129 -12.69 12.24 7.32
C ARG A 129 -13.96 12.60 8.07
N ARG A 130 -13.81 13.10 9.29
CA ARG A 130 -14.95 13.51 10.10
C ARG A 130 -14.83 15.00 10.43
N GLY A 131 -13.77 15.63 9.96
CA GLY A 131 -13.56 17.05 10.23
C GLY A 131 -12.24 17.52 9.64
N ASP A 132 -11.90 18.77 9.89
CA ASP A 132 -10.67 19.32 9.34
C ASP A 132 -9.40 18.57 9.76
N SER A 133 -9.40 18.05 10.97
CA SER A 133 -8.23 17.34 11.48
C SER A 133 -8.57 15.99 12.08
N ARG A 134 -9.66 15.38 11.64
CA ARG A 134 -10.07 14.09 12.16
C ARG A 134 -10.62 13.20 11.09
N GLY A 135 -10.52 11.91 11.34
CA GLY A 135 -11.00 10.92 10.42
C GLY A 135 -11.05 9.67 11.26
N SER A 136 -12.02 8.81 11.00
CA SER A 136 -12.18 7.59 11.76
C SER A 136 -11.68 6.36 11.00
N LEU A 137 -10.92 5.51 11.67
CA LEU A 137 -10.42 4.31 11.02
C LEU A 137 -11.65 3.44 10.75
N LEU A 138 -11.80 2.98 9.51
CA LEU A 138 -12.93 2.11 9.17
C LEU A 138 -12.75 0.74 9.82
N SER A 139 -11.51 0.40 10.12
CA SER A 139 -11.17 -0.85 10.78
C SER A 139 -10.11 -0.51 11.84
N PRO A 140 -10.56 -0.10 13.04
CA PRO A 140 -9.67 0.27 14.15
C PRO A 140 -8.56 -0.76 14.36
N ARG A 141 -7.43 -0.28 14.88
CA ARG A 141 -6.29 -1.14 15.11
C ARG A 141 -5.65 -0.77 16.43
N PRO A 142 -4.88 -1.69 17.02
CA PRO A 142 -4.22 -1.41 18.29
C PRO A 142 -3.29 -0.21 18.09
N ILE A 143 -3.19 0.64 19.10
CA ILE A 143 -2.35 1.82 18.99
C ILE A 143 -0.90 1.48 18.70
N SER A 144 -0.41 0.35 19.19
CA SER A 144 0.97 -0.05 18.96
C SER A 144 1.26 -0.18 17.46
N TYR A 145 0.21 -0.42 16.69
CA TYR A 145 0.35 -0.54 15.25
C TYR A 145 0.70 0.79 14.59
N LEU A 146 0.07 1.87 15.07
CA LEU A 146 0.30 3.20 14.54
C LEU A 146 1.48 3.93 15.16
N LYS A 147 2.12 3.33 16.17
CA LYS A 147 3.26 3.99 16.76
C LYS A 147 4.37 4.10 15.73
N GLY A 148 5.02 5.24 15.72
CA GLY A 148 6.08 5.47 14.77
C GLY A 148 5.60 5.95 13.41
N SER A 149 4.30 6.15 13.24
CA SER A 149 3.76 6.63 11.98
C SER A 149 3.45 8.14 11.92
N SER A 150 3.79 8.87 12.98
CA SER A 150 3.55 10.31 13.05
C SER A 150 4.38 10.98 11.98
N GLY A 151 3.78 11.89 11.22
CA GLY A 151 4.48 12.56 10.15
C GLY A 151 4.16 11.89 8.83
N GLY A 152 3.52 10.73 8.86
CA GLY A 152 3.16 10.03 7.64
C GLY A 152 2.00 10.69 6.93
N PRO A 153 1.80 10.43 5.63
CA PRO A 153 0.70 11.05 4.88
C PRO A 153 -0.67 10.41 4.96
N LEU A 154 -1.69 11.20 4.63
CA LEU A 154 -3.08 10.75 4.54
C LEU A 154 -3.44 11.18 3.13
N LEU A 155 -3.63 10.21 2.25
CA LEU A 155 -3.93 10.52 0.86
C LEU A 155 -5.42 10.40 0.52
N CYS A 156 -5.82 11.07 -0.55
CA CYS A 156 -7.18 11.00 -1.07
C CYS A 156 -7.07 9.84 -2.08
N PRO A 157 -8.20 9.38 -2.64
CA PRO A 157 -8.14 8.26 -3.61
C PRO A 157 -7.17 8.45 -4.78
N ALA A 158 -6.72 9.68 -4.99
CA ALA A 158 -5.82 9.97 -6.08
C ALA A 158 -4.34 9.95 -5.70
N GLY A 159 -4.08 9.80 -4.41
CA GLY A 159 -2.71 9.76 -3.93
C GLY A 159 -2.11 11.13 -3.67
N HIS A 160 -2.95 12.06 -3.25
CA HIS A 160 -2.47 13.40 -2.98
C HIS A 160 -2.57 13.68 -1.51
N ALA A 161 -1.62 14.42 -0.98
CA ALA A 161 -1.61 14.72 0.44
C ALA A 161 -2.78 15.56 0.91
N VAL A 162 -3.55 15.01 1.84
CA VAL A 162 -4.68 15.70 2.43
C VAL A 162 -4.23 16.20 3.80
N GLY A 163 -3.25 15.51 4.38
CA GLY A 163 -2.74 15.89 5.68
C GLY A 163 -1.65 14.96 6.14
N LEU A 164 -1.12 15.24 7.33
CA LEU A 164 -0.05 14.46 7.95
C LEU A 164 -0.54 13.86 9.29
N PHE A 165 -0.36 12.57 9.51
CA PHE A 165 -0.78 11.91 10.76
C PHE A 165 -0.09 12.53 11.98
N ARG A 166 -0.86 12.87 13.01
CA ARG A 166 -0.28 13.50 14.19
C ARG A 166 -0.48 12.74 15.50
N ALA A 167 -1.71 12.33 15.78
CA ALA A 167 -2.02 11.63 17.01
C ALA A 167 -3.18 10.68 16.78
N ALA A 168 -3.29 9.66 17.63
CA ALA A 168 -4.36 8.68 17.49
C ALA A 168 -5.36 8.83 18.61
N VAL A 169 -6.63 8.57 18.30
CA VAL A 169 -7.71 8.64 19.29
C VAL A 169 -7.96 7.22 19.81
N CYS A 170 -7.40 6.93 20.98
CA CYS A 170 -7.50 5.60 21.61
C CYS A 170 -8.53 5.47 22.73
N THR A 171 -9.02 4.24 22.93
CA THR A 171 -9.98 3.95 23.99
C THR A 171 -9.35 3.04 25.05
N ARG A 172 -9.14 1.77 24.70
CA ARG A 172 -8.54 0.80 25.62
C ARG A 172 -7.32 0.23 24.92
N GLY A 173 -6.54 1.13 24.31
CA GLY A 173 -5.36 0.69 23.59
C GLY A 173 -5.67 0.38 22.13
N VAL A 174 -6.84 0.79 21.68
CA VAL A 174 -7.25 0.57 20.30
C VAL A 174 -7.66 1.92 19.74
N ALA A 175 -7.04 2.30 18.63
CA ALA A 175 -7.31 3.58 17.99
C ALA A 175 -8.55 3.51 17.14
N LYS A 176 -9.52 4.38 17.43
CA LYS A 176 -10.76 4.42 16.68
C LYS A 176 -10.68 5.50 15.59
N ALA A 177 -9.97 6.58 15.88
CA ALA A 177 -9.81 7.69 14.94
C ALA A 177 -8.40 8.25 14.95
N VAL A 178 -8.10 9.08 13.96
CA VAL A 178 -6.78 9.70 13.86
C VAL A 178 -6.88 11.23 13.76
N ASP A 179 -5.91 11.88 14.38
CA ASP A 179 -5.82 13.33 14.40
C ASP A 179 -4.70 13.68 13.42
N PHE A 180 -5.00 14.56 12.47
CA PHE A 180 -4.01 14.96 11.47
C PHE A 180 -3.83 16.46 11.24
N ILE A 181 -2.78 16.80 10.52
CA ILE A 181 -2.46 18.19 10.18
C ILE A 181 -2.83 18.34 8.70
N PRO A 182 -3.94 19.05 8.37
CA PRO A 182 -4.32 19.19 6.96
C PRO A 182 -3.31 20.02 6.17
N VAL A 183 -3.10 19.70 4.90
CA VAL A 183 -2.13 20.44 4.07
C VAL A 183 -2.25 21.97 4.17
N GLU A 184 -3.45 22.45 4.42
CA GLU A 184 -3.67 23.88 4.54
C GLU A 184 -2.73 24.49 5.58
N ASN A 185 -2.54 23.79 6.69
CA ASN A 185 -1.65 24.29 7.72
C ASN A 185 -0.22 24.35 7.21
N LEU A 186 0.12 23.49 6.25
CA LEU A 186 1.46 23.48 5.66
C LEU A 186 1.61 24.77 4.86
N GLU A 187 0.64 25.03 4.00
CA GLU A 187 0.66 26.25 3.19
C GLU A 187 0.81 27.43 4.16
N THR A 188 -0.08 27.51 5.13
CA THR A 188 -0.06 28.56 6.14
C THR A 188 1.27 28.71 6.86
N THR A 189 1.89 27.59 7.22
CA THR A 189 3.16 27.60 7.92
C THR A 189 4.26 28.20 7.05
N MET A 190 4.10 28.06 5.74
CA MET A 190 5.08 28.61 4.79
C MET A 190 4.89 30.11 4.62
N ARG A 191 3.63 30.54 4.55
CA ARG A 191 3.29 31.94 4.42
C ARG A 191 3.62 32.65 5.74
N SER A 192 3.93 31.87 6.78
CA SER A 192 4.25 32.40 8.10
C SER A 192 5.75 32.26 8.48
N LYS B 2 21.35 19.24 20.46
CA LYS B 2 20.74 17.91 20.22
C LYS B 2 21.31 17.34 18.93
N GLY B 3 21.02 16.07 18.65
CA GLY B 3 21.53 15.45 17.44
C GLY B 3 20.63 15.75 16.26
N SER B 4 21.02 15.24 15.10
CA SER B 4 20.24 15.42 13.90
C SER B 4 19.23 14.30 13.72
N VAL B 5 18.12 14.61 13.07
CA VAL B 5 17.09 13.64 12.74
C VAL B 5 17.74 12.89 11.58
N VAL B 6 17.81 11.57 11.68
CA VAL B 6 18.43 10.77 10.64
C VAL B 6 17.42 9.93 9.89
N ILE B 7 17.58 9.84 8.58
CA ILE B 7 16.71 9.03 7.74
C ILE B 7 17.24 7.61 7.87
N VAL B 8 16.41 6.70 8.41
CA VAL B 8 16.80 5.30 8.56
C VAL B 8 16.12 4.35 7.58
N GLY B 9 15.23 4.88 6.75
CA GLY B 9 14.53 4.06 5.79
C GLY B 9 13.59 4.90 4.96
N ARG B 10 12.91 4.28 4.01
CA ARG B 10 11.99 4.97 3.12
C ARG B 10 10.74 4.14 2.89
N ILE B 11 9.71 4.80 2.38
CA ILE B 11 8.45 4.15 2.05
C ILE B 11 8.14 4.69 0.66
N VAL B 12 8.01 3.80 -0.32
CA VAL B 12 7.78 4.22 -1.69
C VAL B 12 6.39 3.94 -2.22
N LEU B 13 5.66 5.03 -2.45
CA LEU B 13 4.30 5.02 -2.95
C LEU B 13 4.24 4.97 -4.46
N SER B 14 5.30 5.41 -5.11
CA SER B 14 5.34 5.46 -6.57
C SER B 14 5.50 4.13 -7.29
N GLY B 15 5.68 3.05 -6.54
CA GLY B 15 5.85 1.75 -7.15
C GLY B 15 4.55 1.28 -7.76
N LYS B 16 4.66 0.44 -8.78
CA LYS B 16 3.51 -0.10 -9.48
C LYS B 16 3.66 -1.61 -9.58
N PRO B 17 2.55 -2.35 -9.65
CA PRO B 17 2.60 -3.82 -9.75
C PRO B 17 3.69 -4.22 -10.70
N ALA B 18 4.42 -5.26 -10.33
CA ALA B 18 5.50 -5.73 -11.16
C ALA B 18 5.74 -7.20 -10.95
N ILE B 19 6.08 -7.88 -12.04
CA ILE B 19 6.37 -9.30 -11.99
C ILE B 19 7.77 -9.37 -11.40
N ILE B 20 7.89 -9.95 -10.21
CA ILE B 20 9.18 -10.05 -9.54
C ILE B 20 10.17 -10.76 -10.44
N PRO B 21 11.34 -10.14 -10.68
CA PRO B 21 12.38 -10.70 -11.53
C PRO B 21 12.99 -11.96 -10.96
N LYS B 22 13.14 -12.95 -11.84
CA LYS B 22 13.72 -14.24 -11.50
C LYS B 22 15.23 -14.07 -11.48
N LYS B 23 15.75 -13.71 -10.30
CA LYS B 23 17.16 -13.49 -10.10
C LYS B 23 17.60 -14.34 -8.89
N VAL C 40 11.97 -10.19 -2.32
CA VAL C 40 10.66 -9.49 -2.19
C VAL C 40 9.61 -10.58 -2.15
N GLU C 41 8.47 -10.29 -1.54
CA GLU C 41 7.37 -11.26 -1.46
C GLU C 41 6.24 -10.78 -2.37
N GLY C 42 5.63 -11.73 -3.08
CA GLY C 42 4.55 -11.36 -3.97
C GLY C 42 3.20 -11.76 -3.42
N GLU C 43 2.17 -10.95 -3.69
CA GLU C 43 0.80 -11.24 -3.24
C GLU C 43 0.09 -12.07 -4.29
N VAL C 44 0.48 -11.88 -5.55
CA VAL C 44 -0.13 -12.55 -6.67
C VAL C 44 0.82 -13.55 -7.33
N GLN C 45 0.38 -14.79 -7.42
CA GLN C 45 1.17 -15.85 -8.03
C GLN C 45 0.65 -16.12 -9.42
N ILE C 46 1.56 -16.36 -10.34
CA ILE C 46 1.20 -16.68 -11.71
C ILE C 46 1.36 -18.21 -11.78
N VAL C 47 0.25 -18.92 -11.99
CA VAL C 47 0.24 -20.38 -12.02
C VAL C 47 -0.08 -21.01 -13.37
N SER C 48 0.12 -22.33 -13.47
CA SER C 48 -0.14 -23.08 -14.70
C SER C 48 -0.55 -24.52 -14.39
N THR C 49 -1.40 -25.09 -15.25
CA THR C 49 -1.90 -26.46 -15.08
C THR C 49 -1.72 -27.35 -16.30
N ALA C 50 -0.84 -26.98 -17.22
CA ALA C 50 -0.60 -27.74 -18.45
C ALA C 50 -1.73 -27.45 -19.41
N THR C 51 -2.95 -27.53 -18.90
CA THR C 51 -4.12 -27.23 -19.68
C THR C 51 -4.03 -25.74 -19.95
N GLN C 52 -3.87 -24.94 -18.90
CA GLN C 52 -3.79 -23.49 -19.04
C GLN C 52 -2.90 -22.80 -18.01
N THR C 53 -2.99 -21.47 -17.98
CA THR C 53 -2.24 -20.62 -17.05
C THR C 53 -3.16 -19.50 -16.58
N PHE C 54 -3.06 -19.16 -15.31
CA PHE C 54 -3.91 -18.12 -14.72
C PHE C 54 -3.19 -17.57 -13.49
N LEU C 55 -3.92 -16.92 -12.59
CA LEU C 55 -3.31 -16.34 -11.39
C LEU C 55 -3.94 -16.81 -10.09
N ALA C 56 -3.26 -16.50 -8.99
CA ALA C 56 -3.74 -16.82 -7.65
C ALA C 56 -3.46 -15.58 -6.81
N THR C 57 -4.20 -15.39 -5.73
CA THR C 57 -4.02 -14.23 -4.86
C THR C 57 -4.07 -14.65 -3.40
N CYS C 58 -3.04 -14.29 -2.64
CA CYS C 58 -3.02 -14.64 -1.24
C CYS C 58 -3.76 -13.60 -0.44
N ILE C 59 -4.80 -14.05 0.24
CA ILE C 59 -5.60 -13.17 1.09
C ILE C 59 -5.79 -13.95 2.38
N ASN C 60 -5.47 -13.30 3.49
CA ASN C 60 -5.58 -13.91 4.81
C ASN C 60 -4.85 -15.25 4.88
N GLY C 61 -3.59 -15.24 4.44
CA GLY C 61 -2.80 -16.45 4.49
C GLY C 61 -3.25 -17.60 3.62
N VAL C 62 -4.23 -17.37 2.75
CA VAL C 62 -4.72 -18.42 1.86
C VAL C 62 -4.48 -17.97 0.42
N CYS C 63 -3.99 -18.89 -0.41
CA CYS C 63 -3.73 -18.61 -1.83
C CYS C 63 -4.97 -19.04 -2.60
N TRP C 64 -5.77 -18.06 -2.98
CA TRP C 64 -7.02 -18.32 -3.69
C TRP C 64 -6.84 -18.24 -5.19
N THR C 65 -7.69 -18.94 -5.93
CA THR C 65 -7.67 -18.94 -7.38
C THR C 65 -9.00 -19.51 -7.85
N VAL C 66 -9.22 -19.54 -9.16
CA VAL C 66 -10.48 -20.04 -9.71
C VAL C 66 -10.57 -21.55 -9.89
N TYR C 67 -11.70 -22.12 -9.47
CA TYR C 67 -11.96 -23.55 -9.59
C TYR C 67 -11.94 -23.97 -11.06
N HIS C 68 -12.30 -23.04 -11.94
CA HIS C 68 -12.29 -23.34 -13.35
C HIS C 68 -10.88 -23.39 -13.92
N GLY C 69 -9.89 -23.21 -13.05
CA GLY C 69 -8.51 -23.23 -13.48
C GLY C 69 -7.78 -24.37 -12.80
N ALA C 70 -7.88 -24.41 -11.48
CA ALA C 70 -7.22 -25.43 -10.66
C ALA C 70 -8.06 -26.68 -10.48
N GLY C 71 -9.36 -26.47 -10.27
CA GLY C 71 -10.25 -27.58 -10.05
C GLY C 71 -9.96 -28.01 -8.63
N THR C 72 -9.67 -29.28 -8.45
CA THR C 72 -9.37 -29.80 -7.13
C THR C 72 -7.87 -30.12 -7.03
N ARG C 73 -7.14 -29.70 -8.06
CA ARG C 73 -5.71 -29.92 -8.11
C ARG C 73 -4.98 -29.41 -6.88
N THR C 74 -3.86 -30.04 -6.57
CA THR C 74 -3.02 -29.67 -5.45
C THR C 74 -2.06 -28.61 -6.00
N ILE C 75 -1.36 -27.90 -5.11
CA ILE C 75 -0.41 -26.91 -5.57
C ILE C 75 0.97 -27.45 -5.22
N ALA C 76 1.91 -27.27 -6.13
CA ALA C 76 3.27 -27.75 -5.96
C ALA C 76 3.98 -27.07 -4.78
N SER C 77 4.86 -27.83 -4.14
CA SER C 77 5.64 -27.39 -2.97
C SER C 77 6.97 -28.15 -3.00
N PRO C 78 8.06 -27.60 -2.41
CA PRO C 78 9.37 -28.27 -2.40
C PRO C 78 9.38 -29.54 -1.57
N LYS C 79 8.28 -29.76 -0.85
CA LYS C 79 8.10 -30.93 0.00
C LYS C 79 7.00 -31.82 -0.55
N GLY C 80 6.55 -31.51 -1.75
CA GLY C 80 5.51 -32.29 -2.38
C GLY C 80 4.21 -31.51 -2.50
N PRO C 81 3.23 -32.07 -3.20
CA PRO C 81 1.92 -31.46 -3.42
C PRO C 81 1.21 -31.12 -2.15
N VAL C 82 0.62 -29.93 -2.12
CA VAL C 82 -0.12 -29.48 -0.98
C VAL C 82 -1.58 -29.44 -1.46
N ILE C 83 -2.50 -29.89 -0.62
CA ILE C 83 -3.92 -29.92 -1.00
C ILE C 83 -4.69 -28.65 -0.63
N GLN C 84 -5.77 -28.42 -1.36
CA GLN C 84 -6.61 -27.25 -1.15
C GLN C 84 -7.17 -27.27 0.26
N MET C 85 -7.20 -26.11 0.88
CA MET C 85 -7.75 -25.99 2.21
C MET C 85 -9.24 -25.79 2.02
N TYR C 86 -9.60 -25.16 0.90
CA TYR C 86 -10.99 -24.89 0.59
C TYR C 86 -11.20 -25.17 -0.88
N THR C 87 -12.38 -25.69 -1.22
CA THR C 87 -12.75 -25.97 -2.61
C THR C 87 -14.20 -25.56 -2.61
N ASN C 88 -14.58 -24.66 -3.50
CA ASN C 88 -15.95 -24.19 -3.57
C ASN C 88 -16.39 -24.11 -5.01
N VAL C 89 -16.76 -25.26 -5.55
CA VAL C 89 -17.20 -25.38 -6.93
C VAL C 89 -18.34 -24.41 -7.22
N ASP C 90 -19.18 -24.20 -6.21
CA ASP C 90 -20.33 -23.32 -6.35
C ASP C 90 -19.89 -21.88 -6.61
N GLN C 91 -18.87 -21.43 -5.89
CA GLN C 91 -18.37 -20.07 -6.06
C GLN C 91 -17.22 -19.96 -7.04
N ASP C 92 -16.77 -21.09 -7.59
CA ASP C 92 -15.65 -21.12 -8.54
C ASP C 92 -14.39 -20.70 -7.77
N LEU C 93 -14.40 -21.01 -6.48
CA LEU C 93 -13.34 -20.63 -5.54
C LEU C 93 -12.58 -21.78 -4.88
N VAL C 94 -11.25 -21.79 -5.01
CA VAL C 94 -10.43 -22.81 -4.35
C VAL C 94 -9.27 -22.09 -3.70
N GLY C 95 -8.83 -22.60 -2.55
CA GLY C 95 -7.71 -21.98 -1.87
C GLY C 95 -6.86 -22.99 -1.14
N TRP C 96 -5.55 -22.87 -1.30
CA TRP C 96 -4.60 -23.75 -0.62
C TRP C 96 -3.91 -22.85 0.39
N PRO C 97 -3.04 -23.40 1.24
CA PRO C 97 -2.38 -22.48 2.18
C PRO C 97 -1.35 -21.65 1.39
N ALA C 98 -1.19 -20.38 1.74
CA ALA C 98 -0.27 -19.48 1.04
C ALA C 98 1.11 -20.10 0.89
N PRO C 99 1.64 -20.12 -0.36
CA PRO C 99 2.95 -20.68 -0.70
C PRO C 99 4.15 -19.84 -0.24
N GLN C 100 5.35 -20.32 -0.54
CA GLN C 100 6.57 -19.59 -0.17
C GLN C 100 6.82 -18.42 -1.11
N GLY C 101 7.42 -17.35 -0.58
CA GLY C 101 7.67 -16.18 -1.39
C GLY C 101 6.38 -15.44 -1.69
N SER C 102 5.45 -15.50 -0.74
CA SER C 102 4.16 -14.85 -0.87
C SER C 102 3.84 -14.03 0.36
N ARG C 103 2.95 -13.04 0.22
CA ARG C 103 2.51 -12.18 1.30
C ARG C 103 1.07 -11.92 1.02
N SER C 104 0.26 -11.88 2.06
CA SER C 104 -1.16 -11.68 1.91
C SER C 104 -1.71 -10.28 1.75
N LEU C 105 -2.81 -10.20 1.01
CA LEU C 105 -3.53 -8.98 0.74
C LEU C 105 -4.56 -8.81 1.84
N THR C 106 -4.87 -7.57 2.14
CA THR C 106 -5.85 -7.28 3.17
C THR C 106 -7.21 -7.01 2.52
N PRO C 107 -8.28 -7.55 3.10
CA PRO C 107 -9.60 -7.31 2.54
C PRO C 107 -9.93 -5.82 2.55
N CYS C 108 -10.76 -5.36 1.64
CA CYS C 108 -11.13 -3.95 1.61
C CYS C 108 -12.18 -3.71 2.69
N THR C 109 -12.05 -2.61 3.42
CA THR C 109 -13.02 -2.24 4.45
C THR C 109 -13.53 -0.80 4.25
N CYS C 110 -13.22 -0.20 3.10
CA CYS C 110 -13.61 1.19 2.84
C CYS C 110 -14.80 1.33 1.90
N GLY C 111 -15.28 0.22 1.38
CA GLY C 111 -16.42 0.25 0.48
C GLY C 111 -16.27 0.84 -0.93
N SER C 112 -15.19 1.56 -1.22
CA SER C 112 -15.02 2.15 -2.56
C SER C 112 -15.49 1.32 -3.75
N SER C 113 -16.07 2.01 -4.72
CA SER C 113 -16.58 1.40 -5.94
C SER C 113 -15.58 1.59 -7.05
N ASP C 114 -14.48 2.27 -6.74
CA ASP C 114 -13.44 2.49 -7.73
C ASP C 114 -12.40 1.40 -7.58
N LEU C 115 -12.62 0.32 -8.31
CA LEU C 115 -11.74 -0.85 -8.27
C LEU C 115 -10.65 -0.81 -9.34
N TYR C 116 -9.68 -1.72 -9.23
CA TYR C 116 -8.57 -1.81 -10.15
C TYR C 116 -8.16 -3.27 -10.29
N LEU C 117 -8.11 -3.76 -11.52
CA LEU C 117 -7.74 -5.14 -11.77
C LEU C 117 -6.27 -5.25 -12.17
N VAL C 118 -5.55 -6.20 -11.59
CA VAL C 118 -4.14 -6.41 -11.92
C VAL C 118 -4.14 -7.65 -12.79
N THR C 119 -3.54 -7.57 -13.97
CA THR C 119 -3.48 -8.70 -14.91
C THR C 119 -2.24 -9.56 -14.67
N ARG C 120 -2.14 -10.66 -15.40
CA ARG C 120 -0.98 -11.56 -15.29
C ARG C 120 0.31 -10.90 -15.78
N HIS C 121 0.18 -9.68 -16.31
CA HIS C 121 1.32 -8.94 -16.82
C HIS C 121 1.62 -7.76 -15.95
N ALA C 122 0.95 -7.69 -14.81
CA ALA C 122 1.13 -6.59 -13.88
C ALA C 122 0.48 -5.29 -14.37
N ASP C 123 -0.37 -5.38 -15.40
CA ASP C 123 -1.06 -4.20 -15.92
C ASP C 123 -2.21 -3.94 -14.93
N VAL C 124 -2.51 -2.68 -14.67
CA VAL C 124 -3.59 -2.31 -13.77
C VAL C 124 -4.70 -1.74 -14.65
N ILE C 125 -5.93 -2.18 -14.43
CA ILE C 125 -7.08 -1.74 -15.21
C ILE C 125 -8.17 -1.20 -14.31
N PRO C 126 -8.54 0.09 -14.46
CA PRO C 126 -9.58 0.70 -13.63
C PRO C 126 -10.96 0.11 -13.95
N VAL C 127 -11.68 -0.27 -12.90
CA VAL C 127 -12.99 -0.88 -13.03
C VAL C 127 -13.97 -0.24 -12.05
N ARG C 128 -15.16 0.10 -12.53
CA ARG C 128 -16.18 0.69 -11.69
C ARG C 128 -17.07 -0.44 -11.22
N ARG C 129 -17.31 -0.48 -9.92
CA ARG C 129 -18.14 -1.52 -9.36
C ARG C 129 -19.60 -1.27 -9.70
N ARG C 130 -20.19 -2.25 -10.37
CA ARG C 130 -21.60 -2.17 -10.75
C ARG C 130 -22.43 -2.87 -9.67
N GLY C 131 -21.91 -3.97 -9.13
CA GLY C 131 -22.62 -4.71 -8.11
C GLY C 131 -21.73 -5.74 -7.45
N ASP C 132 -22.29 -6.47 -6.48
CA ASP C 132 -21.57 -7.50 -5.75
C ASP C 132 -20.46 -8.25 -6.48
N SER C 133 -20.76 -8.74 -7.67
CA SER C 133 -19.78 -9.49 -8.43
C SER C 133 -19.53 -8.96 -9.84
N ARG C 134 -19.88 -7.70 -10.07
CA ARG C 134 -19.72 -7.13 -11.39
C ARG C 134 -19.10 -5.74 -11.36
N GLY C 135 -18.31 -5.44 -12.37
CA GLY C 135 -17.69 -4.14 -12.44
C GLY C 135 -17.42 -3.89 -13.90
N SER C 136 -17.52 -2.64 -14.33
CA SER C 136 -17.28 -2.28 -15.72
C SER C 136 -15.91 -1.65 -15.94
N LEU C 137 -15.19 -2.08 -16.98
CA LEU C 137 -13.88 -1.48 -17.27
C LEU C 137 -14.13 -0.03 -17.65
N LEU C 138 -13.28 0.89 -17.20
CA LEU C 138 -13.46 2.28 -17.56
C LEU C 138 -13.04 2.49 -19.00
N SER C 139 -12.24 1.56 -19.50
CA SER C 139 -11.78 1.59 -20.88
C SER C 139 -11.72 0.13 -21.28
N PRO C 140 -12.78 -0.36 -21.95
CA PRO C 140 -12.86 -1.75 -22.42
C PRO C 140 -11.62 -2.12 -23.21
N ARG C 141 -11.18 -3.38 -23.07
CA ARG C 141 -9.99 -3.83 -23.78
C ARG C 141 -10.32 -5.15 -24.42
N PRO C 142 -9.56 -5.52 -25.46
CA PRO C 142 -9.85 -6.80 -26.10
C PRO C 142 -9.57 -7.90 -25.07
N ILE C 143 -10.37 -8.96 -25.08
CA ILE C 143 -10.20 -10.04 -24.13
C ILE C 143 -8.76 -10.55 -24.05
N SER C 144 -8.03 -10.49 -25.16
CA SER C 144 -6.65 -10.95 -25.20
C SER C 144 -5.83 -10.31 -24.10
N TYR C 145 -6.19 -9.07 -23.76
CA TYR C 145 -5.52 -8.29 -22.73
C TYR C 145 -5.85 -8.79 -21.33
N LEU C 146 -7.04 -9.33 -21.16
CA LEU C 146 -7.48 -9.84 -19.86
C LEU C 146 -7.27 -11.34 -19.70
N LYS C 147 -6.78 -12.00 -20.75
CA LYS C 147 -6.55 -13.44 -20.70
C LYS C 147 -5.46 -13.85 -19.70
N GLY C 148 -5.68 -14.98 -19.05
CA GLY C 148 -4.75 -15.54 -18.09
C GLY C 148 -4.72 -14.86 -16.73
N SER C 149 -5.65 -13.92 -16.51
CA SER C 149 -5.69 -13.17 -15.26
C SER C 149 -6.70 -13.62 -14.20
N SER C 150 -7.51 -14.64 -14.51
CA SER C 150 -8.49 -15.14 -13.53
C SER C 150 -7.75 -15.58 -12.27
N GLY C 151 -8.26 -15.16 -11.13
CA GLY C 151 -7.61 -15.49 -9.88
C GLY C 151 -6.92 -14.22 -9.37
N GLY C 152 -6.64 -13.31 -10.30
CA GLY C 152 -6.00 -12.04 -9.97
C GLY C 152 -6.82 -11.24 -8.98
N PRO C 153 -6.23 -10.25 -8.30
CA PRO C 153 -6.96 -9.42 -7.32
C PRO C 153 -7.73 -8.27 -7.95
N LEU C 154 -8.82 -7.87 -7.31
CA LEU C 154 -9.63 -6.74 -7.76
C LEU C 154 -9.45 -5.80 -6.58
N LEU C 155 -8.51 -4.87 -6.71
CA LEU C 155 -8.14 -3.93 -5.65
C LEU C 155 -8.96 -2.65 -5.58
N CYS C 156 -9.03 -2.10 -4.38
CA CYS C 156 -9.72 -0.84 -4.16
C CYS C 156 -8.63 0.25 -4.10
N PRO C 157 -9.01 1.54 -4.00
CA PRO C 157 -8.05 2.65 -3.94
C PRO C 157 -6.89 2.48 -2.96
N ALA C 158 -7.08 1.62 -1.95
CA ALA C 158 -6.05 1.39 -0.95
C ALA C 158 -5.22 0.13 -1.20
N GLY C 159 -5.36 -0.48 -2.37
CA GLY C 159 -4.62 -1.68 -2.65
C GLY C 159 -5.12 -2.88 -1.86
N HIS C 160 -6.31 -2.75 -1.25
CA HIS C 160 -6.93 -3.83 -0.48
C HIS C 160 -7.83 -4.65 -1.40
N ALA C 161 -7.84 -5.96 -1.19
CA ALA C 161 -8.63 -6.89 -2.00
C ALA C 161 -10.13 -6.66 -1.85
N VAL C 162 -10.81 -6.58 -2.99
CA VAL C 162 -12.26 -6.39 -3.05
C VAL C 162 -12.89 -7.70 -3.53
N GLY C 163 -12.19 -8.38 -4.43
CA GLY C 163 -12.69 -9.63 -4.93
C GLY C 163 -11.61 -10.27 -5.77
N LEU C 164 -11.89 -11.46 -6.28
CA LEU C 164 -10.96 -12.17 -7.15
C LEU C 164 -11.57 -12.21 -8.53
N PHE C 165 -10.80 -11.80 -9.53
CA PHE C 165 -11.26 -11.81 -10.91
C PHE C 165 -11.70 -13.24 -11.24
N ARG C 166 -13.00 -13.43 -11.44
CA ARG C 166 -13.55 -14.74 -11.75
C ARG C 166 -13.50 -15.01 -13.26
N ALA C 167 -14.05 -14.10 -14.05
CA ALA C 167 -14.06 -14.22 -15.51
C ALA C 167 -14.46 -12.91 -16.15
N ALA C 168 -13.95 -12.66 -17.35
CA ALA C 168 -14.26 -11.43 -18.06
C ALA C 168 -15.60 -11.59 -18.76
N VAL C 169 -16.34 -10.49 -18.79
CA VAL C 169 -17.64 -10.41 -19.45
C VAL C 169 -17.41 -9.54 -20.68
N CYS C 170 -17.33 -10.16 -21.86
CA CYS C 170 -17.07 -9.39 -23.06
C CYS C 170 -18.10 -9.49 -24.19
N THR C 171 -18.11 -8.44 -25.01
CA THR C 171 -19.01 -8.36 -26.14
C THR C 171 -18.18 -8.21 -27.40
N ARG C 172 -18.25 -9.23 -28.25
CA ARG C 172 -17.52 -9.21 -29.52
C ARG C 172 -16.01 -9.16 -29.37
N GLY C 173 -15.48 -9.93 -28.42
CA GLY C 173 -14.05 -9.96 -28.21
C GLY C 173 -13.50 -8.79 -27.41
N VAL C 174 -14.36 -7.86 -27.02
CA VAL C 174 -13.92 -6.72 -26.24
C VAL C 174 -14.45 -6.83 -24.83
N ALA C 175 -13.53 -6.99 -23.88
CA ALA C 175 -13.88 -7.08 -22.48
C ALA C 175 -14.33 -5.70 -22.04
N LYS C 176 -15.62 -5.56 -21.79
CA LYS C 176 -16.19 -4.29 -21.35
C LYS C 176 -16.44 -4.31 -19.84
N ALA C 177 -16.45 -5.51 -19.26
CA ALA C 177 -16.68 -5.65 -17.82
C ALA C 177 -16.13 -6.98 -17.32
N VAL C 178 -16.14 -7.17 -16.00
CA VAL C 178 -15.63 -8.39 -15.36
C VAL C 178 -16.53 -8.95 -14.26
N ASP C 179 -16.42 -10.25 -14.08
CA ASP C 179 -17.18 -10.97 -13.06
C ASP C 179 -16.15 -11.24 -11.95
N PHE C 180 -16.56 -11.13 -10.69
CA PHE C 180 -15.61 -11.41 -9.60
C PHE C 180 -16.23 -11.96 -8.30
N ILE C 181 -15.39 -12.58 -7.50
CA ILE C 181 -15.79 -13.18 -6.22
C ILE C 181 -15.43 -12.20 -5.09
N PRO C 182 -16.42 -11.53 -4.50
CA PRO C 182 -16.13 -10.58 -3.42
C PRO C 182 -15.37 -11.20 -2.23
N VAL C 183 -14.46 -10.44 -1.64
CA VAL C 183 -13.67 -10.94 -0.50
C VAL C 183 -14.51 -11.62 0.57
N GLU C 184 -15.70 -11.11 0.80
CA GLU C 184 -16.58 -11.68 1.82
C GLU C 184 -16.78 -13.17 1.59
N ASN C 185 -16.98 -13.58 0.34
CA ASN C 185 -17.17 -14.99 0.01
C ASN C 185 -15.98 -15.78 0.49
N LEU C 186 -14.79 -15.19 0.37
CA LEU C 186 -13.56 -15.83 0.81
C LEU C 186 -13.53 -15.86 2.33
N GLU C 187 -13.83 -14.73 2.95
CA GLU C 187 -13.83 -14.60 4.41
C GLU C 187 -14.86 -15.54 5.02
N THR C 188 -15.91 -15.81 4.26
CA THR C 188 -16.99 -16.70 4.68
C THR C 188 -16.56 -18.15 4.51
N THR C 189 -15.87 -18.44 3.42
CA THR C 189 -15.40 -19.78 3.15
C THR C 189 -14.38 -20.25 4.20
N MET C 190 -13.80 -19.30 4.93
CA MET C 190 -12.82 -19.61 5.96
C MET C 190 -13.47 -19.84 7.32
N GLY D 3 -2.80 -33.87 -12.26
CA GLY D 3 -1.68 -32.89 -12.29
C GLY D 3 -1.57 -32.13 -10.98
N SER D 4 -0.82 -31.03 -11.01
CA SER D 4 -0.60 -30.17 -9.84
C SER D 4 -0.41 -28.75 -10.36
N VAL D 5 -0.87 -27.76 -9.62
CA VAL D 5 -0.74 -26.39 -10.03
C VAL D 5 0.65 -25.93 -9.64
N VAL D 6 1.40 -25.43 -10.62
CA VAL D 6 2.75 -24.92 -10.37
C VAL D 6 2.81 -23.39 -10.45
N ILE D 7 3.67 -22.78 -9.64
CA ILE D 7 3.80 -21.34 -9.64
C ILE D 7 4.90 -20.95 -10.61
N VAL D 8 4.50 -20.35 -11.72
CA VAL D 8 5.46 -19.94 -12.74
C VAL D 8 6.06 -18.55 -12.56
N GLY D 9 5.52 -17.78 -11.64
CA GLY D 9 6.05 -16.45 -11.41
C GLY D 9 5.31 -15.78 -10.28
N ARG D 10 5.72 -14.55 -9.94
CA ARG D 10 5.08 -13.80 -8.86
C ARG D 10 4.96 -12.33 -9.21
N ILE D 11 3.96 -11.68 -8.64
CA ILE D 11 3.75 -10.25 -8.87
C ILE D 11 3.71 -9.53 -7.54
N VAL D 12 4.52 -8.47 -7.40
CA VAL D 12 4.52 -7.66 -6.19
C VAL D 12 3.81 -6.33 -6.48
N LEU D 13 2.63 -6.18 -5.91
CA LEU D 13 1.78 -5.01 -6.13
C LEU D 13 2.39 -3.64 -5.86
N SER D 14 3.28 -3.54 -4.88
CA SER D 14 3.90 -2.27 -4.54
C SER D 14 5.01 -1.92 -5.49
N GLY D 15 5.48 -2.90 -6.24
CA GLY D 15 6.57 -2.68 -7.15
C GLY D 15 7.92 -2.75 -6.47
N LYS D 16 7.96 -3.24 -5.23
CA LYS D 16 9.20 -3.35 -4.47
C LYS D 16 10.26 -4.07 -5.27
N PRO D 17 11.35 -3.37 -5.57
CA PRO D 17 12.47 -3.89 -6.35
C PRO D 17 13.27 -4.95 -5.62
N ALA D 18 13.98 -5.75 -6.41
CA ALA D 18 14.82 -6.85 -5.95
C ALA D 18 13.95 -8.10 -5.74
#